data_4ZYL
#
_entry.id   4ZYL
#
_cell.length_a   60.980
_cell.length_b   60.980
_cell.length_c   200.450
_cell.angle_alpha   90.00
_cell.angle_beta   90.00
_cell.angle_gamma   120.00
#
_symmetry.space_group_name_H-M   'P 65'
#
loop_
_entity.id
_entity.type
_entity.pdbx_description
1 polymer 'RphyB protein'
2 water water
#
_entity_poly.entity_id   1
_entity_poly.type   'polypeptide(L)'
_entity_poly.pdbx_seq_one_letter_code
;MNRQRTLPTVLVAEDHDYDKLILTEVFARASISADLRFVSDGEQTLDYIYGRNRFADRGDAPYPAIVLLDLNMPRLDGRK
VVRLLRQDETVRHLVVIALSTSESAKHITEAYSIGFNAYLVKPANIADYVEAIRSLWHFWMNTASLPTTEAYRTGLEHHH
HHH
;
_entity_poly.pdbx_strand_id   A,B
#
# COMPACT_ATOMS: atom_id res chain seq x y z
N LEU A 7 15.64 -3.90 15.27
CA LEU A 7 14.57 -2.92 15.04
C LEU A 7 14.40 -2.62 13.55
N PRO A 8 13.16 -2.34 13.13
CA PRO A 8 12.90 -2.01 11.73
C PRO A 8 13.47 -0.63 11.39
N THR A 9 14.04 -0.49 10.19
CA THR A 9 14.57 0.79 9.77
C THR A 9 13.53 1.49 8.90
N VAL A 10 13.25 2.75 9.21
CA VAL A 10 12.36 3.57 8.40
C VAL A 10 13.19 4.64 7.69
N LEU A 11 13.31 4.51 6.38
CA LEU A 11 14.11 5.46 5.59
C LEU A 11 13.19 6.64 5.29
N VAL A 12 13.60 7.84 5.69
CA VAL A 12 12.80 9.05 5.47
C VAL A 12 13.53 10.13 4.70
N ALA A 13 13.02 10.49 3.52
CA ALA A 13 13.58 11.60 2.77
C ALA A 13 12.92 12.87 3.30
N GLU A 14 13.70 13.63 4.05
CA GLU A 14 13.19 14.82 4.70
C GLU A 14 14.37 15.67 5.05
N ASP A 15 14.37 16.92 4.67
CA ASP A 15 15.55 17.75 4.98
C ASP A 15 15.24 18.90 5.93
N HIS A 16 13.97 19.20 6.13
CA HIS A 16 13.61 20.36 6.98
C HIS A 16 13.76 20.04 8.48
N ASP A 17 14.48 20.91 9.20
CA ASP A 17 14.83 20.62 10.57
C ASP A 17 13.57 20.49 11.46
N TYR A 18 12.54 21.25 11.12
CA TYR A 18 11.31 21.24 11.91
C TYR A 18 10.54 19.97 11.62
N ASP A 19 10.49 19.59 10.33
CA ASP A 19 9.72 18.39 10.00
C ASP A 19 10.43 17.16 10.58
N LYS A 20 11.76 17.15 10.58
CA LYS A 20 12.51 16.09 11.21
C LYS A 20 12.18 16.00 12.70
N LEU A 21 12.19 17.17 13.35
CA LEU A 21 11.84 17.21 14.76
C LEU A 21 10.44 16.65 14.98
N ILE A 22 9.48 17.14 14.22
CA ILE A 22 8.09 16.69 14.32
C ILE A 22 8.00 15.17 14.15
N LEU A 23 8.61 14.62 13.11
CA LEU A 23 8.42 13.18 12.87
C LEU A 23 9.10 12.32 13.95
N THR A 24 10.26 12.78 14.45
CA THR A 24 10.97 12.11 15.54
C THR A 24 10.08 12.07 16.78
N GLU A 25 9.46 13.21 17.08
CA GLU A 25 8.55 13.35 18.22
C GLU A 25 7.31 12.49 18.03
N VAL A 26 6.82 12.43 16.79
CA VAL A 26 5.59 11.69 16.51
C VAL A 26 5.82 10.20 16.79
N PHE A 27 6.96 9.67 16.34
CA PHE A 27 7.27 8.26 16.56
C PHE A 27 7.44 7.93 18.04
N ALA A 28 8.11 8.81 18.77
CA ALA A 28 8.29 8.64 20.22
C ALA A 28 6.95 8.63 20.96
N ARG A 29 6.09 9.58 20.65
CA ARG A 29 4.80 9.68 21.27
C ARG A 29 3.84 8.55 20.88
N ALA A 30 3.98 8.05 19.65
CA ALA A 30 3.19 6.91 19.20
C ALA A 30 3.63 5.60 19.87
N SER A 31 4.66 5.68 20.70
CA SER A 31 5.24 4.50 21.35
C SER A 31 5.77 3.49 20.34
N ILE A 32 6.28 3.97 19.22
CA ILE A 32 6.79 3.07 18.19
C ILE A 32 8.29 2.87 18.35
N SER A 33 8.73 1.62 18.35
CA SER A 33 10.16 1.35 18.36
C SER A 33 10.65 1.13 16.94
N ALA A 34 11.37 2.12 16.41
CA ALA A 34 11.91 2.01 15.07
C ALA A 34 13.17 2.83 14.94
N ASP A 35 14.00 2.47 13.97
CA ASP A 35 15.21 3.21 13.62
C ASP A 35 14.89 4.20 12.49
N LEU A 36 14.68 5.47 12.84
CA LEU A 36 14.42 6.49 11.81
C LEU A 36 15.72 6.97 11.18
N ARG A 37 15.90 6.75 9.88
CA ARG A 37 17.06 7.25 9.17
C ARG A 37 16.66 8.36 8.21
N PHE A 38 17.08 9.60 8.50
CA PHE A 38 16.75 10.71 7.62
C PHE A 38 17.81 10.95 6.54
N VAL A 39 17.37 11.09 5.30
CA VAL A 39 18.27 11.53 4.23
C VAL A 39 17.74 12.82 3.59
N SER A 40 18.63 13.62 3.04
CA SER A 40 18.26 14.97 2.64
C SER A 40 17.97 15.21 1.13
N ASP A 41 18.15 14.22 0.26
CA ASP A 41 17.84 14.43 -1.16
C ASP A 41 17.68 13.06 -1.86
N GLY A 42 17.36 13.08 -3.15
CA GLY A 42 17.06 11.83 -3.85
C GLY A 42 18.31 10.96 -4.04
N GLU A 43 19.45 11.60 -4.20
CA GLU A 43 20.73 10.87 -4.33
C GLU A 43 21.02 10.04 -3.08
N GLN A 44 20.88 10.66 -1.91
CA GLN A 44 21.13 9.96 -0.65
C GLN A 44 20.07 8.88 -0.41
N THR A 45 18.82 9.14 -0.82
CA THR A 45 17.77 8.13 -0.70
C THR A 45 18.14 6.87 -1.53
N LEU A 46 18.54 7.11 -2.77
CA LEU A 46 18.84 5.99 -3.68
C LEU A 46 20.13 5.30 -3.24
N ASP A 47 21.09 6.09 -2.77
CA ASP A 47 22.33 5.52 -2.24
C ASP A 47 22.05 4.64 -1.01
N TYR A 48 21.06 5.00 -0.19
CA TYR A 48 20.72 4.16 0.95
C TYR A 48 20.11 2.82 0.46
N ILE A 49 19.16 2.91 -0.46
CA ILE A 49 18.48 1.73 -0.98
C ILE A 49 19.44 0.79 -1.71
N TYR A 50 20.30 1.35 -2.53
CA TYR A 50 21.18 0.53 -3.33
C TYR A 50 22.53 0.28 -2.67
N GLY A 51 22.67 0.69 -1.41
CA GLY A 51 23.88 0.45 -0.65
C GLY A 51 25.16 0.98 -1.27
N ARG A 52 25.15 2.26 -1.66
CA ARG A 52 26.31 2.89 -2.30
C ARG A 52 26.92 3.97 -1.41
N ASN A 53 28.21 4.21 -1.60
CA ASN A 53 28.91 5.33 -0.97
C ASN A 53 28.76 5.36 0.54
N ARG A 54 28.18 6.44 1.06
CA ARG A 54 28.02 6.63 2.50
C ARG A 54 27.30 5.48 3.20
N PHE A 55 26.59 4.67 2.41
CA PHE A 55 25.85 3.51 2.92
C PHE A 55 26.31 2.23 2.23
N ALA A 56 27.60 2.15 1.90
CA ALA A 56 28.14 0.95 1.27
C ALA A 56 28.11 -0.21 2.27
N ASP A 57 28.55 0.06 3.49
CA ASP A 57 28.51 -0.93 4.55
C ASP A 57 27.07 -1.19 4.94
N ARG A 58 26.57 -2.38 4.65
CA ARG A 58 25.16 -2.68 4.85
C ARG A 58 24.87 -2.89 6.33
N GLY A 59 25.91 -3.12 7.11
CA GLY A 59 25.78 -3.32 8.54
C GLY A 59 25.47 -2.03 9.27
N ASP A 60 25.94 -0.92 8.72
CA ASP A 60 25.74 0.39 9.34
C ASP A 60 24.42 1.00 8.88
N ALA A 61 23.93 0.51 7.75
CA ALA A 61 22.74 1.04 7.12
C ALA A 61 21.83 -0.09 6.61
N PRO A 62 21.09 -0.73 7.52
CA PRO A 62 20.28 -1.91 7.15
C PRO A 62 19.18 -1.61 6.14
N TYR A 63 18.79 -2.62 5.36
CA TYR A 63 17.70 -2.47 4.41
C TYR A 63 16.48 -1.93 5.12
N PRO A 64 15.82 -0.94 4.48
CA PRO A 64 14.64 -0.30 5.08
C PRO A 64 13.44 -1.22 5.02
N ALA A 65 12.64 -1.23 6.09
CA ALA A 65 11.42 -1.98 6.07
C ALA A 65 10.38 -1.20 5.33
N ILE A 66 10.50 0.12 5.38
N ILE A 66 10.44 0.14 5.48
CA ILE A 66 9.55 1.00 4.71
CA ILE A 66 9.49 1.09 4.87
C ILE A 66 10.21 2.36 4.43
C ILE A 66 10.24 2.35 4.43
N VAL A 67 9.81 2.99 3.35
CA VAL A 67 10.37 4.29 2.92
C VAL A 67 9.25 5.34 2.88
N LEU A 68 9.50 6.48 3.51
CA LEU A 68 8.63 7.64 3.45
C LEU A 68 9.31 8.76 2.70
N LEU A 69 8.67 9.26 1.64
CA LEU A 69 9.26 10.36 0.91
C LEU A 69 8.44 11.61 1.11
N ASP A 70 9.05 12.72 1.56
CA ASP A 70 8.31 13.97 1.71
C ASP A 70 8.30 14.70 0.39
N LEU A 71 7.13 14.74 -0.27
CA LEU A 71 7.03 15.31 -1.63
C LEU A 71 7.15 16.83 -1.65
N ASN A 72 7.17 17.43 -0.47
CA ASN A 72 7.38 18.88 -0.41
C ASN A 72 8.87 19.24 -0.31
N MET A 73 9.74 18.24 -0.35
CA MET A 73 11.17 18.48 -0.20
C MET A 73 11.75 18.93 -1.55
N PRO A 74 12.32 20.15 -1.62
CA PRO A 74 12.86 20.69 -2.88
C PRO A 74 13.84 19.78 -3.65
N ARG A 75 14.79 19.10 -2.99
CA ARG A 75 15.81 18.40 -3.77
C ARG A 75 15.46 16.92 -3.99
N LEU A 76 14.19 16.60 -3.81
CA LEU A 76 13.67 15.27 -4.11
C LEU A 76 12.83 15.26 -5.39
N ASP A 77 13.29 14.58 -6.43
CA ASP A 77 12.44 14.32 -7.58
C ASP A 77 11.78 12.98 -7.33
N GLY A 78 10.60 12.99 -6.71
CA GLY A 78 9.90 11.77 -6.36
C GLY A 78 9.59 10.84 -7.53
N ARG A 79 9.12 11.41 -8.63
CA ARG A 79 8.76 10.64 -9.80
C ARG A 79 9.98 9.87 -10.29
N LYS A 80 11.11 10.57 -10.35
CA LYS A 80 12.36 9.98 -10.84
C LYS A 80 12.83 8.83 -9.91
N VAL A 81 12.78 9.05 -8.60
CA VAL A 81 13.20 8.05 -7.63
C VAL A 81 12.29 6.81 -7.73
N VAL A 82 10.97 7.02 -7.69
CA VAL A 82 10.04 5.85 -7.61
C VAL A 82 9.99 5.14 -9.01
N ARG A 83 10.06 5.89 -10.10
CA ARG A 83 10.06 5.20 -11.41
C ARG A 83 11.31 4.33 -11.55
N LEU A 84 12.46 4.81 -11.08
CA LEU A 84 13.66 3.97 -11.09
C LEU A 84 13.43 2.68 -10.28
N LEU A 85 12.93 2.85 -9.06
CA LEU A 85 12.69 1.74 -8.13
C LEU A 85 11.74 0.71 -8.78
N ARG A 86 10.67 1.15 -9.45
CA ARG A 86 9.65 0.21 -9.92
C ARG A 86 10.10 -0.52 -11.18
N GLN A 87 11.01 0.10 -11.90
CA GLN A 87 11.46 -0.52 -13.16
C GLN A 87 12.65 -1.44 -12.93
N ASP A 88 13.17 -1.45 -11.72
CA ASP A 88 14.31 -2.28 -11.36
C ASP A 88 13.91 -3.53 -10.55
N GLU A 89 14.02 -4.71 -11.17
CA GLU A 89 13.47 -5.91 -10.54
C GLU A 89 14.15 -6.24 -9.21
N THR A 90 15.33 -5.69 -8.97
CA THR A 90 16.03 -5.91 -7.71
C THR A 90 15.45 -5.14 -6.50
N VAL A 91 14.72 -4.05 -6.73
CA VAL A 91 14.24 -3.22 -5.61
C VAL A 91 12.76 -2.89 -5.73
N ARG A 92 12.10 -3.42 -6.75
CA ARG A 92 10.79 -2.91 -7.07
C ARG A 92 9.76 -3.37 -6.03
N HIS A 93 10.17 -4.24 -5.11
CA HIS A 93 9.25 -4.72 -4.07
C HIS A 93 9.10 -3.74 -2.90
N LEU A 94 10.00 -2.75 -2.78
CA LEU A 94 10.06 -1.90 -1.62
C LEU A 94 8.76 -1.10 -1.39
N VAL A 95 8.32 -1.04 -0.14
CA VAL A 95 7.14 -0.24 0.21
C VAL A 95 7.57 1.22 0.38
N VAL A 96 6.99 2.08 -0.46
CA VAL A 96 7.34 3.50 -0.46
C VAL A 96 6.03 4.30 -0.33
N ILE A 97 5.99 5.19 0.64
CA ILE A 97 4.77 5.94 0.94
C ILE A 97 5.05 7.44 0.81
N ALA A 98 4.20 8.14 0.08
CA ALA A 98 4.33 9.58 -0.06
C ALA A 98 3.71 10.31 1.11
N LEU A 99 4.42 11.36 1.55
CA LEU A 99 3.92 12.34 2.53
C LEU A 99 3.84 13.70 1.87
N SER A 100 2.73 14.41 2.04
CA SER A 100 2.61 15.71 1.41
C SER A 100 1.55 16.55 2.09
N THR A 101 1.74 17.87 2.05
CA THR A 101 0.70 18.80 2.50
C THR A 101 -0.43 18.90 1.47
N SER A 102 -0.18 18.46 0.25
CA SER A 102 -1.16 18.65 -0.81
C SER A 102 -2.37 17.72 -0.68
N GLU A 103 -3.57 18.29 -0.79
CA GLU A 103 -4.80 17.48 -0.75
C GLU A 103 -5.45 17.36 -2.13
N SER A 104 -4.76 17.85 -3.16
CA SER A 104 -5.20 17.75 -4.55
C SER A 104 -5.43 16.31 -5.00
N ALA A 105 -6.62 16.01 -5.52
CA ALA A 105 -6.90 14.66 -5.97
C ALA A 105 -6.03 14.32 -7.17
N LYS A 106 -5.65 15.35 -7.92
CA LYS A 106 -4.78 15.15 -9.07
C LYS A 106 -3.37 14.75 -8.61
N HIS A 107 -2.84 15.46 -7.60
CA HIS A 107 -1.54 15.09 -7.04
C HIS A 107 -1.60 13.70 -6.39
N ILE A 108 -2.69 13.42 -5.69
CA ILE A 108 -2.78 12.12 -5.00
C ILE A 108 -2.72 11.01 -6.03
N THR A 109 -3.51 11.15 -7.09
CA THR A 109 -3.64 10.10 -8.11
C THR A 109 -2.33 9.92 -8.88
N GLU A 110 -1.64 11.04 -9.14
CA GLU A 110 -0.33 10.99 -9.79
C GLU A 110 0.67 10.17 -8.97
N ALA A 111 0.68 10.35 -7.64
CA ALA A 111 1.58 9.57 -6.77
C ALA A 111 1.33 8.05 -6.93
N TYR A 112 0.07 7.64 -6.91
CA TYR A 112 -0.26 6.22 -7.10
C TYR A 112 0.12 5.79 -8.49
N SER A 113 -0.18 6.63 -9.46
CA SER A 113 0.11 6.27 -10.85
C SER A 113 1.61 6.01 -11.05
N ILE A 114 2.40 6.89 -10.45
CA ILE A 114 3.86 6.82 -10.47
C ILE A 114 4.42 5.55 -9.80
N GLY A 115 3.72 5.06 -8.79
CA GLY A 115 4.13 3.83 -8.12
C GLY A 115 4.27 3.82 -6.61
N PHE A 116 3.78 4.85 -5.91
CA PHE A 116 3.81 4.86 -4.46
C PHE A 116 2.81 3.81 -3.95
N ASN A 117 3.13 3.11 -2.86
CA ASN A 117 2.17 2.14 -2.28
C ASN A 117 0.98 2.87 -1.67
N ALA A 118 1.23 4.05 -1.11
CA ALA A 118 0.16 4.84 -0.47
C ALA A 118 0.58 6.30 -0.39
N TYR A 119 -0.39 7.16 -0.09
CA TYR A 119 -0.20 8.63 0.01
C TYR A 119 -0.85 9.09 1.30
N LEU A 120 -0.12 9.86 2.11
CA LEU A 120 -0.66 10.41 3.36
C LEU A 120 -0.60 11.93 3.28
N VAL A 121 -1.72 12.61 3.53
CA VAL A 121 -1.68 14.05 3.76
C VAL A 121 -1.08 14.33 5.15
N LYS A 122 -0.04 15.17 5.24
CA LYS A 122 0.53 15.51 6.55
C LYS A 122 -0.55 16.11 7.46
N PRO A 123 -0.72 15.55 8.66
CA PRO A 123 -1.69 16.04 9.62
C PRO A 123 -1.25 17.41 10.12
N ALA A 124 -2.17 18.15 10.72
CA ALA A 124 -1.95 19.58 10.99
C ALA A 124 -1.29 19.86 12.33
N ASN A 125 -1.11 18.84 13.13
CA ASN A 125 -0.51 19.00 14.44
C ASN A 125 0.02 17.69 14.91
N ILE A 126 0.90 17.73 15.89
CA ILE A 126 1.52 16.53 16.42
C ILE A 126 0.50 15.46 16.87
N ALA A 127 -0.55 15.89 17.58
CA ALA A 127 -1.55 14.92 18.04
C ALA A 127 -2.18 14.12 16.88
N ASP A 128 -2.65 14.82 15.86
CA ASP A 128 -3.25 14.16 14.70
C ASP A 128 -2.23 13.31 13.96
N TYR A 129 -0.97 13.78 13.95
CA TYR A 129 0.08 13.07 13.22
C TYR A 129 0.36 11.77 13.98
N VAL A 130 0.27 11.85 15.31
CA VAL A 130 0.46 10.66 16.11
C VAL A 130 -0.61 9.59 15.78
N GLU A 131 -1.86 9.99 15.60
CA GLU A 131 -2.90 9.01 15.30
C GLU A 131 -2.64 8.40 13.88
N ALA A 132 -2.22 9.24 12.94
CA ALA A 132 -1.94 8.77 11.56
C ALA A 132 -0.79 7.78 11.51
N ILE A 133 0.32 8.10 12.17
CA ILE A 133 1.44 7.16 12.18
C ILE A 133 1.11 5.87 12.97
N ARG A 134 0.33 5.98 14.05
CA ARG A 134 -0.16 4.78 14.76
C ARG A 134 -0.90 3.86 13.79
N SER A 135 -1.82 4.44 13.03
CA SER A 135 -2.55 3.71 12.02
C SER A 135 -1.66 3.09 10.92
N LEU A 136 -0.74 3.88 10.38
CA LEU A 136 0.17 3.41 9.31
C LEU A 136 1.00 2.26 9.87
N TRP A 137 1.51 2.42 11.09
CA TRP A 137 2.35 1.39 11.67
C TRP A 137 1.56 0.10 11.97
N HIS A 138 0.35 0.25 12.47
CA HIS A 138 -0.48 -0.89 12.78
C HIS A 138 -0.71 -1.71 11.51
N PHE A 139 -1.06 -1.03 10.43
CA PHE A 139 -1.36 -1.76 9.20
C PHE A 139 -0.10 -2.39 8.59
N TRP A 140 0.96 -1.60 8.39
CA TRP A 140 2.10 -2.14 7.63
C TRP A 140 2.94 -3.13 8.43
N MET A 141 2.99 -2.92 9.75
CA MET A 141 3.84 -3.74 10.59
C MET A 141 3.12 -4.89 11.28
N ASN A 142 1.85 -4.70 11.63
CA ASN A 142 1.11 -5.71 12.41
C ASN A 142 0.09 -6.48 11.59
N THR A 143 -0.50 -5.83 10.58
CA THR A 143 -1.60 -6.43 9.85
C THR A 143 -1.15 -7.07 8.53
N ALA A 144 -0.42 -6.30 7.74
CA ALA A 144 0.16 -6.74 6.46
C ALA A 144 1.49 -7.45 6.73
N SER A 145 1.95 -8.21 5.75
CA SER A 145 3.27 -8.79 5.79
C SER A 145 4.12 -8.01 4.82
N LEU A 146 5.27 -7.55 5.28
CA LEU A 146 6.13 -6.74 4.43
C LEU A 146 7.07 -7.66 3.68
N PRO A 147 7.56 -7.20 2.52
CA PRO A 147 8.49 -8.06 1.76
C PRO A 147 9.86 -8.08 2.42
N THR A 148 10.69 -9.07 2.06
CA THR A 148 12.05 -9.18 2.57
C THR A 148 13.05 -9.01 1.42
N THR A 149 14.10 -8.20 1.63
CA THR A 149 15.11 -8.02 0.59
C THR A 149 16.01 -9.24 0.43
N THR B 6 -24.33 5.36 -2.03
CA THR B 6 -23.15 5.73 -2.79
C THR B 6 -21.89 5.38 -2.02
N LEU B 7 -21.82 4.13 -1.58
CA LEU B 7 -20.74 3.60 -0.77
C LEU B 7 -19.52 3.25 -1.62
N PRO B 8 -18.33 3.19 -1.01
CA PRO B 8 -17.17 2.79 -1.80
C PRO B 8 -17.32 1.32 -2.24
N THR B 9 -16.87 1.03 -3.44
CA THR B 9 -16.96 -0.33 -3.97
C THR B 9 -15.65 -1.07 -3.72
N VAL B 10 -15.77 -2.28 -3.17
CA VAL B 10 -14.61 -3.15 -2.96
C VAL B 10 -14.70 -4.35 -3.91
N LEU B 11 -13.80 -4.39 -4.91
CA LEU B 11 -13.80 -5.49 -5.89
C LEU B 11 -13.01 -6.63 -5.29
N VAL B 12 -13.65 -7.79 -5.16
CA VAL B 12 -12.99 -8.96 -4.56
C VAL B 12 -12.97 -10.16 -5.48
N ALA B 13 -11.79 -10.62 -5.86
CA ALA B 13 -11.67 -11.84 -6.66
C ALA B 13 -11.70 -13.02 -5.68
N GLU B 14 -12.82 -13.71 -5.67
CA GLU B 14 -13.00 -14.79 -4.73
C GLU B 14 -14.09 -15.65 -5.26
N ASP B 15 -13.87 -16.94 -5.38
CA ASP B 15 -14.92 -17.80 -5.96
C ASP B 15 -15.48 -18.82 -4.96
N HIS B 16 -14.78 -19.00 -3.84
CA HIS B 16 -15.20 -20.03 -2.87
C HIS B 16 -16.41 -19.58 -2.02
N ASP B 17 -17.45 -20.41 -1.95
CA ASP B 17 -18.69 -19.98 -1.32
C ASP B 17 -18.49 -19.67 0.18
N TYR B 18 -17.59 -20.39 0.81
CA TYR B 18 -17.35 -20.24 2.24
C TYR B 18 -16.56 -18.97 2.44
N ASP B 19 -15.56 -18.76 1.58
CA ASP B 19 -14.74 -17.57 1.80
C ASP B 19 -15.57 -16.31 1.55
N LYS B 20 -16.49 -16.36 0.57
CA LYS B 20 -17.39 -15.24 0.32
C LYS B 20 -18.24 -14.96 1.54
N LEU B 21 -18.80 -16.03 2.10
CA LEU B 21 -19.60 -15.89 3.30
C LEU B 21 -18.78 -15.25 4.41
N ILE B 22 -17.59 -15.77 4.65
CA ILE B 22 -16.69 -15.26 5.68
C ILE B 22 -16.44 -13.76 5.49
N LEU B 23 -16.04 -13.35 4.28
CA LEU B 23 -15.66 -11.96 4.09
C LEU B 23 -16.88 -11.03 4.20
N THR B 24 -18.04 -11.50 3.74
CA THR B 24 -19.28 -10.75 3.87
C THR B 24 -19.59 -10.51 5.35
N GLU B 25 -19.43 -11.58 6.14
CA GLU B 25 -19.66 -11.53 7.59
C GLU B 25 -18.65 -10.62 8.27
N VAL B 26 -17.42 -10.68 7.80
CA VAL B 26 -16.34 -9.91 8.43
C VAL B 26 -16.62 -8.42 8.25
N PHE B 27 -17.04 -8.01 7.06
CA PHE B 27 -17.34 -6.59 6.79
C PHE B 27 -18.52 -6.10 7.62
N ALA B 28 -19.56 -6.91 7.75
CA ALA B 28 -20.72 -6.57 8.57
C ALA B 28 -20.35 -6.40 10.05
N ARG B 29 -19.59 -7.36 10.59
CA ARG B 29 -19.17 -7.34 11.97
C ARG B 29 -18.16 -6.24 12.28
N ALA B 30 -17.32 -5.88 11.31
CA ALA B 30 -16.41 -4.75 11.47
C ALA B 30 -17.14 -3.41 11.42
N SER B 31 -18.46 -3.45 11.22
CA SER B 31 -19.28 -2.25 11.09
C SER B 31 -18.85 -1.39 9.90
N ILE B 32 -18.38 -2.02 8.83
CA ILE B 32 -17.95 -1.26 7.67
C ILE B 32 -19.07 -1.12 6.65
N SER B 33 -19.31 0.09 6.20
CA SER B 33 -20.28 0.29 5.12
C SER B 33 -19.54 0.33 3.79
N ALA B 34 -19.70 -0.74 3.01
CA ALA B 34 -19.07 -0.80 1.69
C ALA B 34 -19.89 -1.68 0.76
N ASP B 35 -19.70 -1.46 -0.54
CA ASP B 35 -20.32 -2.29 -1.57
C ASP B 35 -19.33 -3.39 -1.99
N LEU B 36 -19.51 -4.60 -1.45
CA LEU B 36 -18.63 -5.71 -1.83
C LEU B 36 -19.07 -6.34 -3.15
N ARG B 37 -18.22 -6.28 -4.17
CA ARG B 37 -18.54 -6.95 -5.43
C ARG B 37 -17.61 -8.13 -5.66
N PHE B 38 -18.17 -9.34 -5.60
CA PHE B 38 -17.35 -10.55 -5.82
C PHE B 38 -17.31 -10.96 -7.30
N VAL B 39 -16.10 -11.25 -7.80
CA VAL B 39 -15.96 -11.86 -9.11
C VAL B 39 -15.19 -13.18 -9.02
N SER B 40 -15.43 -14.08 -9.96
CA SER B 40 -14.95 -15.44 -9.80
C SER B 40 -13.66 -15.84 -10.55
N ASP B 41 -13.09 -14.96 -11.40
CA ASP B 41 -11.85 -15.32 -12.08
C ASP B 41 -11.16 -14.03 -12.60
N GLY B 42 -9.99 -14.19 -13.21
CA GLY B 42 -9.22 -13.02 -13.63
C GLY B 42 -9.91 -12.27 -14.78
N GLU B 43 -10.61 -12.99 -15.65
CA GLU B 43 -11.33 -12.35 -16.75
C GLU B 43 -12.40 -11.38 -16.22
N GLN B 44 -13.19 -11.84 -15.24
CA GLN B 44 -14.24 -11.00 -14.68
C GLN B 44 -13.65 -9.84 -13.87
N THR B 45 -12.52 -10.07 -13.18
CA THR B 45 -11.82 -9.00 -12.46
C THR B 45 -11.39 -7.89 -13.44
N LEU B 46 -10.79 -8.31 -14.55
CA LEU B 46 -10.24 -7.31 -15.51
C LEU B 46 -11.40 -6.63 -16.24
N ASP B 47 -12.46 -7.40 -16.52
CA ASP B 47 -13.65 -6.84 -17.13
C ASP B 47 -14.31 -5.81 -16.22
N TYR B 48 -14.28 -6.03 -14.90
CA TYR B 48 -14.84 -5.06 -13.99
C TYR B 48 -13.99 -3.77 -14.03
N ILE B 49 -12.68 -3.94 -13.94
CA ILE B 49 -11.77 -2.79 -13.91
C ILE B 49 -11.83 -1.96 -15.19
N TYR B 50 -11.86 -2.64 -16.34
CA TYR B 50 -11.82 -1.98 -17.62
C TYR B 50 -13.22 -1.71 -18.18
N GLY B 51 -14.25 -2.00 -17.40
CA GLY B 51 -15.62 -1.74 -17.81
C GLY B 51 -16.08 -2.41 -19.10
N ARG B 52 -15.84 -3.71 -19.21
CA ARG B 52 -16.20 -4.46 -20.41
C ARG B 52 -17.32 -5.44 -20.12
N ASN B 53 -18.08 -5.77 -21.15
CA ASN B 53 -19.06 -6.84 -21.11
C ASN B 53 -20.09 -6.70 -19.98
N ARG B 54 -20.10 -7.66 -19.06
CA ARG B 54 -21.06 -7.65 -17.95
C ARG B 54 -21.02 -6.37 -17.12
N PHE B 55 -19.92 -5.62 -17.22
CA PHE B 55 -19.77 -4.38 -16.46
C PHE B 55 -19.55 -3.19 -17.39
N ALA B 56 -20.20 -3.22 -18.54
CA ALA B 56 -20.10 -2.11 -19.48
C ALA B 56 -20.77 -0.87 -18.90
N ASP B 57 -21.96 -1.04 -18.35
CA ASP B 57 -22.66 0.04 -17.70
C ASP B 57 -21.92 0.41 -16.42
N ARG B 58 -21.32 1.58 -16.41
CA ARG B 58 -20.46 1.99 -15.30
C ARG B 58 -21.30 2.41 -14.09
N GLY B 59 -22.57 2.67 -14.33
CA GLY B 59 -23.48 3.08 -13.28
C GLY B 59 -23.91 1.96 -12.35
N ASP B 60 -23.97 0.74 -12.87
CA ASP B 60 -24.36 -0.41 -12.06
C ASP B 60 -23.13 -1.04 -11.42
N ALA B 61 -21.96 -0.70 -11.97
CA ALA B 61 -20.71 -1.28 -11.53
C ALA B 61 -19.62 -0.20 -11.39
N PRO B 62 -19.68 0.59 -10.31
CA PRO B 62 -18.77 1.74 -10.13
C PRO B 62 -17.30 1.37 -9.99
N TYR B 63 -16.41 2.29 -10.36
CA TYR B 63 -14.97 2.09 -10.20
C TYR B 63 -14.68 1.68 -8.79
N PRO B 64 -13.81 0.67 -8.62
CA PRO B 64 -13.48 0.18 -7.28
C PRO B 64 -12.59 1.16 -6.53
N ALA B 65 -12.83 1.32 -5.24
CA ALA B 65 -11.96 2.14 -4.44
C ALA B 65 -10.74 1.33 -4.08
N ILE B 66 -10.92 0.01 -4.01
N ILE B 66 -10.95 0.01 -3.92
CA ILE B 66 -9.84 -0.89 -3.67
CA ILE B 66 -9.90 -0.96 -3.52
C ILE B 66 -10.15 -2.30 -4.18
C ILE B 66 -10.17 -2.30 -4.22
N VAL B 67 -9.12 -3.05 -4.54
CA VAL B 67 -9.26 -4.41 -5.08
C VAL B 67 -8.54 -5.40 -4.16
N LEU B 68 -9.24 -6.47 -3.79
CA LEU B 68 -8.63 -7.57 -3.05
C LEU B 68 -8.59 -8.81 -3.91
N LEU B 69 -7.41 -9.40 -4.11
CA LEU B 69 -7.34 -10.63 -4.91
C LEU B 69 -6.99 -11.80 -4.03
N ASP B 70 -7.79 -12.88 -4.05
CA ASP B 70 -7.47 -14.06 -3.26
C ASP B 70 -6.53 -14.92 -4.05
N LEU B 71 -5.26 -14.95 -3.64
CA LEU B 71 -4.23 -15.68 -4.39
C LEU B 71 -4.38 -17.19 -4.30
N ASN B 72 -5.29 -17.67 -3.48
CA ASN B 72 -5.51 -19.11 -3.41
C ASN B 72 -6.60 -19.57 -4.39
N MET B 73 -7.13 -18.64 -5.17
CA MET B 73 -8.18 -18.99 -6.12
C MET B 73 -7.59 -19.57 -7.41
N PRO B 74 -7.99 -20.82 -7.76
CA PRO B 74 -7.44 -21.53 -8.93
C PRO B 74 -7.42 -20.77 -10.27
N ARG B 75 -8.51 -20.11 -10.64
CA ARG B 75 -8.59 -19.49 -11.97
C ARG B 75 -8.22 -18.01 -11.99
N LEU B 76 -7.50 -17.59 -10.96
CA LEU B 76 -6.91 -16.26 -10.95
C LEU B 76 -5.40 -16.36 -11.19
N ASP B 77 -4.94 -15.83 -12.30
CA ASP B 77 -3.50 -15.67 -12.48
C ASP B 77 -3.16 -14.28 -11.99
N GLY B 78 -2.82 -14.17 -10.71
CA GLY B 78 -2.51 -12.88 -10.10
C GLY B 78 -1.39 -12.08 -10.76
N ARG B 79 -0.30 -12.76 -11.11
CA ARG B 79 0.84 -12.10 -11.72
C ARG B 79 0.40 -11.48 -13.04
N LYS B 80 -0.38 -12.23 -13.82
CA LYS B 80 -0.86 -11.77 -15.12
C LYS B 80 -1.79 -10.53 -14.98
N VAL B 81 -2.72 -10.60 -14.01
CA VAL B 81 -3.64 -9.51 -13.77
C VAL B 81 -2.87 -8.25 -13.33
N VAL B 82 -2.01 -8.40 -12.33
CA VAL B 82 -1.38 -7.18 -11.73
C VAL B 82 -0.30 -6.62 -12.69
N ARG B 83 0.43 -7.49 -13.39
CA ARG B 83 1.42 -6.97 -14.34
C ARG B 83 0.73 -6.17 -15.46
N LEU B 84 -0.43 -6.65 -15.91
CA LEU B 84 -1.19 -5.88 -16.91
C LEU B 84 -1.57 -4.51 -16.37
N LEU B 85 -2.14 -4.51 -15.17
CA LEU B 85 -2.58 -3.29 -14.51
C LEU B 85 -1.42 -2.29 -14.34
N ARG B 86 -0.23 -2.77 -13.96
CA ARG B 86 0.85 -1.83 -13.63
C ARG B 86 1.51 -1.28 -14.90
N GLN B 87 1.39 -2.02 -15.98
CA GLN B 87 2.04 -1.57 -17.23
C GLN B 87 1.12 -0.69 -18.07
N ASP B 88 -0.12 -0.56 -17.62
CA ASP B 88 -1.13 0.25 -18.30
C ASP B 88 -1.40 1.60 -17.60
N GLU B 89 -1.01 2.70 -18.26
CA GLU B 89 -1.06 4.00 -17.60
C GLU B 89 -2.47 4.44 -17.21
N THR B 90 -3.46 3.87 -17.85
CA THR B 90 -4.84 4.21 -17.53
C THR B 90 -5.35 3.61 -16.20
N VAL B 91 -4.74 2.53 -15.72
CA VAL B 91 -5.27 1.84 -14.51
C VAL B 91 -4.20 1.58 -13.47
N ARG B 92 -2.98 2.02 -13.73
CA ARG B 92 -1.89 1.55 -12.91
C ARG B 92 -1.90 2.18 -11.53
N HIS B 93 -2.80 3.13 -11.29
CA HIS B 93 -2.92 3.77 -9.97
C HIS B 93 -3.72 2.96 -8.97
N LEU B 94 -4.46 1.94 -9.44
CA LEU B 94 -5.41 1.23 -8.61
C LEU B 94 -4.75 0.52 -7.42
N VAL B 95 -5.35 0.64 -6.24
CA VAL B 95 -4.84 -0.06 -5.06
C VAL B 95 -5.34 -1.51 -5.07
N VAL B 96 -4.39 -2.44 -5.12
CA VAL B 96 -4.69 -3.86 -5.22
C VAL B 96 -3.95 -4.59 -4.09
N ILE B 97 -4.68 -5.34 -3.29
CA ILE B 97 -4.11 -5.98 -2.13
C ILE B 97 -4.26 -7.50 -2.26
N ALA B 98 -3.17 -8.23 -2.03
CA ALA B 98 -3.24 -9.68 -2.04
C ALA B 98 -3.71 -10.26 -0.71
N LEU B 99 -4.56 -11.29 -0.81
CA LEU B 99 -4.99 -12.12 0.33
C LEU B 99 -4.51 -13.54 0.09
N SER B 100 -3.93 -14.16 1.12
CA SER B 100 -3.44 -15.51 0.90
C SER B 100 -3.25 -16.22 2.23
N THR B 101 -3.40 -17.55 2.21
CA THR B 101 -3.07 -18.36 3.38
C THR B 101 -1.55 -18.51 3.54
N SER B 102 -0.81 -18.23 2.48
CA SER B 102 0.62 -18.49 2.51
C SER B 102 1.39 -17.49 3.36
N GLU B 103 2.24 -18.01 4.27
CA GLU B 103 3.07 -17.16 5.11
C GLU B 103 4.54 -17.16 4.66
N SER B 104 4.81 -17.78 3.50
CA SER B 104 6.13 -17.83 2.88
C SER B 104 6.68 -16.43 2.58
N ALA B 105 7.90 -16.15 3.04
CA ALA B 105 8.51 -14.85 2.78
C ALA B 105 8.77 -14.69 1.28
N LYS B 106 8.97 -15.82 0.62
CA LYS B 106 9.18 -15.85 -0.82
C LYS B 106 7.92 -15.44 -1.56
N HIS B 107 6.79 -16.02 -1.17
CA HIS B 107 5.52 -15.65 -1.76
C HIS B 107 5.18 -14.20 -1.47
N ILE B 108 5.41 -13.77 -0.24
CA ILE B 108 5.05 -12.41 0.14
C ILE B 108 5.84 -11.42 -0.71
N THR B 109 7.15 -11.65 -0.82
CA THR B 109 8.04 -10.73 -1.52
C THR B 109 7.72 -10.72 -3.03
N GLU B 110 7.40 -11.90 -3.57
CA GLU B 110 7.01 -12.00 -4.97
C GLU B 110 5.77 -11.13 -5.26
N ALA B 111 4.79 -11.14 -4.35
CA ALA B 111 3.56 -10.33 -4.51
C ALA B 111 3.91 -8.83 -4.63
N TYR B 112 4.79 -8.35 -3.75
CA TYR B 112 5.21 -6.94 -3.79
C TYR B 112 6.01 -6.70 -5.05
N SER B 113 6.88 -7.63 -5.38
CA SER B 113 7.71 -7.47 -6.56
C SER B 113 6.84 -7.30 -7.80
N ILE B 114 5.81 -8.12 -7.89
CA ILE B 114 4.84 -8.14 -8.99
C ILE B 114 4.04 -6.83 -9.10
N GLY B 115 3.79 -6.19 -7.98
CA GLY B 115 3.09 -4.92 -7.98
C GLY B 115 1.89 -4.73 -7.07
N PHE B 116 1.64 -5.66 -6.14
CA PHE B 116 0.55 -5.51 -5.17
C PHE B 116 0.94 -4.35 -4.22
N ASN B 117 -0.05 -3.56 -3.80
CA ASN B 117 0.23 -2.48 -2.80
C ASN B 117 0.56 -3.05 -1.43
N ALA B 118 -0.09 -4.18 -1.11
CA ALA B 118 0.13 -4.81 0.20
C ALA B 118 -0.29 -6.28 0.11
N TYR B 119 0.11 -7.05 1.11
CA TYR B 119 -0.19 -8.50 1.21
C TYR B 119 -0.69 -8.77 2.61
N LEU B 120 -1.82 -9.48 2.72
N LEU B 120 -1.80 -9.51 2.71
CA LEU B 120 -2.39 -9.87 4.02
CA LEU B 120 -2.35 -9.89 4.00
C LEU B 120 -2.47 -11.39 4.09
C LEU B 120 -2.44 -11.41 4.07
N VAL B 121 -1.91 -11.98 5.15
CA VAL B 121 -2.16 -13.41 5.43
C VAL B 121 -3.59 -13.53 5.96
N LYS B 122 -4.42 -14.42 5.37
CA LYS B 122 -5.78 -14.62 5.89
C LYS B 122 -5.75 -15.08 7.35
N PRO B 123 -6.46 -14.35 8.24
CA PRO B 123 -6.54 -14.68 9.67
C PRO B 123 -7.27 -16.00 9.83
N ALA B 124 -7.14 -16.63 10.98
CA ALA B 124 -7.58 -18.01 11.17
C ALA B 124 -9.04 -18.17 11.60
N ASN B 125 -9.68 -17.06 11.91
CA ASN B 125 -11.06 -17.10 12.35
C ASN B 125 -11.68 -15.77 12.11
N ILE B 126 -13.00 -15.73 12.10
CA ILE B 126 -13.73 -14.49 11.86
C ILE B 126 -13.34 -13.35 12.80
N ALA B 127 -13.19 -13.63 14.11
CA ALA B 127 -12.81 -12.55 15.04
C ALA B 127 -11.47 -11.89 14.64
N ASP B 128 -10.43 -12.68 14.39
CA ASP B 128 -9.15 -12.13 13.97
C ASP B 128 -9.24 -11.44 12.62
N TYR B 129 -10.11 -11.97 11.75
CA TYR B 129 -10.25 -11.39 10.39
C TYR B 129 -10.93 -10.03 10.54
N VAL B 130 -11.84 -9.95 11.53
CA VAL B 130 -12.51 -8.68 11.78
C VAL B 130 -11.48 -7.61 12.21
N GLU B 131 -10.52 -7.98 13.05
CA GLU B 131 -9.52 -6.98 13.52
C GLU B 131 -8.65 -6.54 12.31
N ALA B 132 -8.28 -7.50 11.46
CA ALA B 132 -7.43 -7.20 10.30
C ALA B 132 -8.12 -6.29 9.30
N ILE B 133 -9.36 -6.59 8.97
CA ILE B 133 -10.10 -5.73 8.05
C ILE B 133 -10.40 -4.34 8.66
N ARG B 134 -10.67 -4.27 9.98
CA ARG B 134 -10.81 -2.97 10.67
C ARG B 134 -9.54 -2.14 10.43
N SER B 135 -8.39 -2.77 10.65
CA SER B 135 -7.11 -2.14 10.42
C SER B 135 -6.88 -1.70 8.97
N LEU B 136 -7.17 -2.60 8.03
CA LEU B 136 -6.98 -2.30 6.61
C LEU B 136 -7.89 -1.12 6.24
N TRP B 137 -9.14 -1.17 6.69
CA TRP B 137 -10.07 -0.11 6.33
C TRP B 137 -9.69 1.25 6.95
N HIS B 138 -9.25 1.23 8.20
CA HIS B 138 -8.87 2.44 8.88
C HIS B 138 -7.73 3.13 8.10
N PHE B 139 -6.74 2.35 7.74
CA PHE B 139 -5.59 2.94 7.04
C PHE B 139 -5.98 3.42 5.63
N TRP B 140 -6.58 2.55 4.83
CA TRP B 140 -6.77 2.94 3.43
C TRP B 140 -7.87 3.98 3.23
N MET B 141 -8.88 3.93 4.10
CA MET B 141 -10.02 4.80 3.94
C MET B 141 -9.99 6.05 4.81
N ASN B 142 -9.38 5.96 5.98
CA ASN B 142 -9.38 7.08 6.93
C ASN B 142 -8.05 7.80 7.07
N THR B 143 -6.95 7.08 6.90
CA THR B 143 -5.64 7.63 7.14
C THR B 143 -4.94 8.09 5.84
N ALA B 144 -4.89 7.20 4.86
CA ALA B 144 -4.35 7.47 3.53
C ALA B 144 -5.40 8.14 2.66
N SER B 145 -4.95 8.73 1.57
CA SER B 145 -5.84 9.23 0.55
C SER B 145 -5.75 8.31 -0.64
N LEU B 146 -6.88 7.84 -1.12
CA LEU B 146 -6.91 6.88 -2.24
C LEU B 146 -6.94 7.65 -3.53
N PRO B 147 -6.46 7.04 -4.62
CA PRO B 147 -6.50 7.76 -5.90
C PRO B 147 -7.92 7.80 -6.47
N THR B 148 -8.15 8.67 -7.46
CA THR B 148 -9.44 8.78 -8.13
C THR B 148 -9.29 8.46 -9.62
N THR B 149 -10.19 7.64 -10.17
CA THR B 149 -10.13 7.32 -11.60
C THR B 149 -10.57 8.48 -12.49
#